data_6B5K
#
_entry.id   6B5K
#
_cell.length_a   96.403
_cell.length_b   96.403
_cell.length_c   151.924
_cell.angle_alpha   90.00
_cell.angle_beta   90.00
_cell.angle_gamma   90.00
#
_symmetry.space_group_name_H-M   'I 4'
#
loop_
_entity.id
_entity.type
_entity.pdbx_description
1 polymer 'Glucose-1-phosphate thymidylyltransferase'
2 non-polymer "THYMIDINE-5'-TRIPHOSPHATE"
3 non-polymer 'MAGNESIUM ION'
4 non-polymer "THYMIDINE-5'-DIPHOSPHATE"
5 non-polymer 1,2-ETHANEDIOL
6 water water
#
_entity_poly.entity_id   1
_entity_poly.type   'polypeptide(L)'
_entity_poly.pdbx_seq_one_letter_code
;MRGIILAGGSGTRLYPITMGISKQLLPVYDKPMIYYPLTTLMMAGIRDIQLITTPHDAPGFHRLLGDGAHLGVNISYATQ
DQPDGLAQAFVIGANHIGADSVALVLGDNIFYGPGLGTSLKRFQSISGGAIFAYWVANPSAYGVVEFGAEGMALSLEEKP
VTPKSNYAVPGLYFYDNDVIEIARGLKKSARGEYEITEVNQVYLNQGRLAVEVLARGTAWLDTGTFDSLLDAADFVRTLE
RRQGLKVSIPEEVAWRMGWIDDEQLVQRARALVKSGYGNYLLELLERNLEHHHHHH
;
_entity_poly.pdbx_strand_id   A,B
#
loop_
_chem_comp.id
_chem_comp.type
_chem_comp.name
_chem_comp.formula
EDO non-polymer 1,2-ETHANEDIOL 'C2 H6 O2'
MG non-polymer 'MAGNESIUM ION' 'Mg 2'
TTP non-polymer THYMIDINE-5'-TRIPHOSPHATE 'C10 H17 N2 O14 P3'
TYD non-polymer THYMIDINE-5'-DIPHOSPHATE 'C10 H16 N2 O11 P2'
#
# COMPACT_ATOMS: atom_id res chain seq x y z
N MET A 1 -28.80 -1.13 -8.35
CA MET A 1 -27.98 -0.08 -9.05
C MET A 1 -27.38 -0.63 -10.31
N ARG A 2 -27.30 0.20 -11.35
CA ARG A 2 -26.71 -0.16 -12.66
C ARG A 2 -25.36 0.56 -12.76
N GLY A 3 -24.44 0.02 -13.56
CA GLY A 3 -23.14 0.64 -13.67
C GLY A 3 -22.82 1.07 -15.07
N ILE A 4 -22.11 2.20 -15.17
CA ILE A 4 -21.62 2.67 -16.48
C ILE A 4 -20.12 3.01 -16.32
N ILE A 5 -19.33 2.61 -17.32
CA ILE A 5 -17.94 3.02 -17.43
C ILE A 5 -17.84 3.88 -18.66
N LEU A 6 -17.35 5.12 -18.47
CA LEU A 6 -16.99 6.01 -19.52
C LEU A 6 -15.65 5.57 -20.11
N ALA A 7 -15.69 4.96 -21.29
CA ALA A 7 -14.45 4.39 -21.89
C ALA A 7 -14.20 4.89 -23.32
N GLY A 8 -14.74 6.05 -23.64
CA GLY A 8 -14.46 6.77 -24.89
C GLY A 8 -13.47 7.84 -24.73
N GLY A 9 -13.73 9.03 -25.31
CA GLY A 9 -12.87 10.18 -25.29
C GLY A 9 -11.73 10.11 -26.30
N SER A 10 -11.09 11.26 -26.52
CA SER A 10 -10.01 11.37 -27.48
C SER A 10 -8.66 11.07 -26.91
N GLY A 11 -8.46 11.29 -25.62
CA GLY A 11 -7.16 11.06 -24.96
C GLY A 11 -6.04 11.96 -25.50
N THR A 12 -6.36 13.22 -25.77
CA THR A 12 -5.38 14.17 -26.36
C THR A 12 -4.11 14.33 -25.56
N ARG A 13 -4.17 14.24 -24.23
CA ARG A 13 -2.97 14.42 -23.41
C ARG A 13 -2.02 13.22 -23.47
N LEU A 14 -2.45 12.17 -24.17
CA LEU A 14 -1.60 11.00 -24.44
C LEU A 14 -1.16 10.89 -25.91
N TYR A 15 -1.53 11.83 -26.75
CA TYR A 15 -1.08 11.78 -28.18
C TYR A 15 0.47 11.78 -28.23
N PRO A 16 1.09 10.93 -29.08
CA PRO A 16 0.47 10.13 -30.13
C PRO A 16 0.07 8.69 -29.77
N ILE A 17 0.30 8.25 -28.53
CA ILE A 17 -0.14 6.93 -28.07
C ILE A 17 -1.61 6.68 -28.47
N THR A 18 -2.49 7.62 -28.06
CA THR A 18 -3.87 7.41 -28.21
C THR A 18 -4.36 7.74 -29.63
N MET A 19 -3.42 8.06 -30.55
CA MET A 19 -3.84 8.02 -31.98
C MET A 19 -3.99 6.59 -32.50
N GLY A 20 -3.44 5.64 -31.78
CA GLY A 20 -3.47 4.24 -32.16
C GLY A 20 -4.24 3.29 -31.28
N ILE A 21 -4.63 3.73 -30.09
CA ILE A 21 -5.25 2.82 -29.11
C ILE A 21 -6.10 3.73 -28.20
N SER A 22 -7.28 3.27 -27.77
CA SER A 22 -8.02 3.93 -26.67
C SER A 22 -7.16 3.98 -25.39
N LYS A 23 -7.24 5.08 -24.67
CA LYS A 23 -6.64 5.22 -23.36
C LYS A 23 -7.07 4.04 -22.43
N GLN A 24 -8.31 3.58 -22.60
CA GLN A 24 -8.81 2.52 -21.76
C GLN A 24 -8.35 1.13 -22.06
N LEU A 25 -7.58 1.00 -23.14
CA LEU A 25 -7.03 -0.28 -23.46
C LEU A 25 -5.52 -0.27 -23.20
N LEU A 26 -4.95 0.83 -22.69
CA LEU A 26 -3.51 0.85 -22.35
C LEU A 26 -3.18 -0.09 -21.23
N PRO A 27 -1.99 -0.64 -21.19
CA PRO A 27 -1.49 -1.49 -20.10
C PRO A 27 -1.24 -0.64 -18.87
N VAL A 28 -1.62 -1.15 -17.69
CA VAL A 28 -1.14 -0.66 -16.42
C VAL A 28 -0.56 -1.86 -15.72
N TYR A 29 0.71 -2.10 -16.03
CA TYR A 29 1.50 -3.24 -15.62
C TYR A 29 1.05 -4.58 -16.16
N ASP A 30 0.05 -5.22 -15.56
CA ASP A 30 -0.25 -6.62 -15.81
C ASP A 30 -1.68 -6.78 -16.38
N LYS A 31 -2.32 -5.66 -16.72
CA LYS A 31 -3.67 -5.72 -17.23
C LYS A 31 -4.06 -4.45 -17.94
N PRO A 32 -5.10 -4.52 -18.80
CA PRO A 32 -5.60 -3.28 -19.39
C PRO A 32 -6.23 -2.33 -18.42
N MET A 33 -6.10 -1.05 -18.75
CA MET A 33 -6.64 0.05 -17.95
C MET A 33 -8.09 -0.21 -17.55
N ILE A 34 -8.90 -0.64 -18.51
CA ILE A 34 -10.37 -0.81 -18.24
C ILE A 34 -10.63 -1.80 -17.12
N TYR A 35 -9.72 -2.70 -16.79
CA TYR A 35 -9.93 -3.61 -15.67
C TYR A 35 -10.13 -2.91 -14.33
N TYR A 36 -9.46 -1.79 -14.14
CA TYR A 36 -9.47 -1.10 -12.84
C TYR A 36 -10.89 -0.54 -12.57
N PRO A 37 -11.41 0.34 -13.41
CA PRO A 37 -12.82 0.82 -13.13
C PRO A 37 -13.86 -0.33 -13.18
N LEU A 38 -13.66 -1.34 -14.01
CA LEU A 38 -14.52 -2.50 -14.07
C LEU A 38 -14.59 -3.14 -12.72
N THR A 39 -13.43 -3.38 -12.10
CA THR A 39 -13.42 -4.07 -10.85
CA THR A 39 -13.46 -4.06 -10.81
C THR A 39 -13.98 -3.19 -9.74
N THR A 40 -13.82 -1.85 -9.86
CA THR A 40 -14.43 -0.93 -8.88
C THR A 40 -15.94 -1.14 -8.86
N LEU A 41 -16.57 -1.18 -10.02
CA LEU A 41 -18.03 -1.39 -10.07
C LEU A 41 -18.39 -2.79 -9.55
N MET A 42 -17.60 -3.79 -9.92
CA MET A 42 -17.84 -5.17 -9.42
C MET A 42 -17.80 -5.21 -7.89
N MET A 43 -16.83 -4.58 -7.28
CA MET A 43 -16.64 -4.58 -5.83
C MET A 43 -17.78 -3.85 -5.13
N ALA A 44 -18.38 -2.89 -5.82
CA ALA A 44 -19.59 -2.19 -5.33
C ALA A 44 -20.84 -3.06 -5.41
N GLY A 45 -20.70 -4.27 -5.92
CA GLY A 45 -21.79 -5.21 -6.11
C GLY A 45 -22.61 -5.06 -7.35
N ILE A 46 -22.05 -4.38 -8.36
CA ILE A 46 -22.79 -4.15 -9.57
C ILE A 46 -22.46 -5.13 -10.64
N ARG A 47 -23.49 -5.82 -11.14
CA ARG A 47 -23.33 -6.85 -12.17
C ARG A 47 -23.76 -6.45 -13.58
N ASP A 48 -24.58 -5.41 -13.73
CA ASP A 48 -25.01 -5.01 -15.04
C ASP A 48 -24.30 -3.70 -15.37
N ILE A 49 -23.24 -3.84 -16.17
CA ILE A 49 -22.30 -2.75 -16.45
C ILE A 49 -22.29 -2.45 -17.93
N GLN A 50 -22.55 -1.19 -18.27
CA GLN A 50 -22.51 -0.75 -19.64
CA GLN A 50 -22.47 -0.80 -19.63
C GLN A 50 -21.21 0.01 -19.90
N LEU A 51 -20.47 -0.41 -20.93
CA LEU A 51 -19.33 0.35 -21.40
C LEU A 51 -19.71 1.27 -22.50
N ILE A 52 -19.41 2.56 -22.32
CA ILE A 52 -19.49 3.53 -23.38
C ILE A 52 -18.14 3.69 -24.09
N THR A 53 -18.12 3.46 -25.40
CA THR A 53 -16.88 3.55 -26.17
C THR A 53 -17.08 4.40 -27.41
N THR A 54 -15.98 4.79 -28.02
CA THR A 54 -16.04 5.36 -29.39
C THR A 54 -16.40 4.27 -30.40
N PRO A 55 -16.87 4.70 -31.59
CA PRO A 55 -17.15 3.66 -32.57
C PRO A 55 -15.89 2.90 -33.00
N HIS A 56 -14.81 3.63 -33.19
CA HIS A 56 -13.59 3.03 -33.73
C HIS A 56 -12.84 2.13 -32.75
N ASP A 57 -12.96 2.38 -31.43
CA ASP A 57 -12.28 1.51 -30.46
C ASP A 57 -13.14 0.35 -30.01
N ALA A 58 -14.45 0.35 -30.29
CA ALA A 58 -15.30 -0.71 -29.77
C ALA A 58 -14.81 -2.18 -30.03
N PRO A 59 -14.33 -2.50 -31.27
CA PRO A 59 -13.91 -3.89 -31.50
C PRO A 59 -12.87 -4.43 -30.49
N GLY A 60 -11.96 -3.58 -30.10
CA GLY A 60 -10.94 -3.99 -29.10
C GLY A 60 -11.53 -4.37 -27.76
N PHE A 61 -12.46 -3.53 -27.31
CA PHE A 61 -13.15 -3.87 -26.10
C PHE A 61 -13.96 -5.17 -26.17
N HIS A 62 -14.70 -5.34 -27.27
CA HIS A 62 -15.38 -6.61 -27.49
C HIS A 62 -14.43 -7.81 -27.46
N ARG A 63 -13.29 -7.68 -28.14
CA ARG A 63 -12.30 -8.76 -28.17
C ARG A 63 -11.83 -9.11 -26.76
N LEU A 64 -11.65 -8.09 -25.92
CA LEU A 64 -11.14 -8.29 -24.59
C LEU A 64 -12.21 -8.84 -23.65
N LEU A 65 -13.37 -8.21 -23.64
CA LEU A 65 -14.35 -8.48 -22.59
C LEU A 65 -15.60 -9.30 -23.01
N GLY A 66 -15.93 -9.23 -24.29
CA GLY A 66 -17.13 -9.93 -24.80
C GLY A 66 -18.36 -9.47 -24.04
N ASP A 67 -19.18 -10.43 -23.64
CA ASP A 67 -20.37 -10.07 -22.84
C ASP A 67 -20.15 -10.17 -21.34
N GLY A 68 -18.90 -10.37 -20.88
CA GLY A 68 -18.54 -10.44 -19.49
C GLY A 68 -18.83 -11.72 -18.74
N ALA A 69 -19.48 -12.68 -19.43
CA ALA A 69 -19.91 -13.93 -18.79
C ALA A 69 -18.75 -14.69 -18.14
N HIS A 70 -17.54 -14.61 -18.71
CA HIS A 70 -16.44 -15.26 -18.06
C HIS A 70 -15.98 -14.67 -16.76
N LEU A 71 -16.44 -13.45 -16.46
CA LEU A 71 -16.15 -12.77 -15.20
C LEU A 71 -17.40 -12.70 -14.31
N GLY A 72 -18.44 -13.41 -14.74
CA GLY A 72 -19.72 -13.50 -14.02
C GLY A 72 -20.56 -12.22 -14.00
N VAL A 73 -20.29 -11.33 -14.96
CA VAL A 73 -21.02 -10.07 -15.06
C VAL A 73 -21.71 -9.92 -16.42
N ASN A 74 -22.67 -9.01 -16.51
CA ASN A 74 -23.35 -8.73 -17.74
C ASN A 74 -22.77 -7.44 -18.30
N ILE A 75 -21.81 -7.57 -19.20
CA ILE A 75 -21.29 -6.39 -19.89
C ILE A 75 -22.03 -6.13 -21.15
N SER A 76 -22.52 -4.92 -21.26
CA SER A 76 -23.08 -4.40 -22.48
C SER A 76 -22.34 -3.18 -22.98
N TYR A 77 -22.68 -2.76 -24.19
CA TYR A 77 -21.97 -1.75 -24.91
C TYR A 77 -22.88 -0.68 -25.43
N ALA A 78 -22.46 0.57 -25.29
CA ALA A 78 -23.03 1.67 -26.01
C ALA A 78 -22.01 2.54 -26.71
N THR A 79 -22.44 3.12 -27.83
CA THR A 79 -21.59 3.92 -28.65
C THR A 79 -21.78 5.40 -28.47
N GLN A 80 -20.68 6.11 -28.22
CA GLN A 80 -20.67 7.53 -28.16
C GLN A 80 -20.00 8.03 -29.41
N ASP A 81 -20.76 8.67 -30.29
CA ASP A 81 -20.22 8.99 -31.61
C ASP A 81 -19.20 10.09 -31.71
N GLN A 82 -19.28 11.06 -30.80
CA GLN A 82 -18.33 12.13 -30.67
C GLN A 82 -18.04 12.33 -29.17
N PRO A 83 -16.82 12.76 -28.82
CA PRO A 83 -16.46 12.86 -27.39
C PRO A 83 -17.01 14.19 -26.79
N ASP A 84 -18.31 14.20 -26.62
CA ASP A 84 -19.08 15.38 -26.27
CA ASP A 84 -18.96 15.45 -26.26
C ASP A 84 -19.29 15.57 -24.77
N GLY A 85 -18.66 14.75 -23.92
CA GLY A 85 -18.59 15.03 -22.52
C GLY A 85 -19.05 13.89 -21.62
N LEU A 86 -18.58 13.95 -20.38
CA LEU A 86 -18.88 12.95 -19.38
C LEU A 86 -20.38 12.84 -19.05
N ALA A 87 -21.07 13.98 -18.99
CA ALA A 87 -22.45 13.96 -18.60
C ALA A 87 -23.34 13.30 -19.62
N GLN A 88 -22.85 13.08 -20.83
CA GLN A 88 -23.56 12.22 -21.79
C GLN A 88 -23.73 10.77 -21.37
N ALA A 89 -22.97 10.33 -20.36
CA ALA A 89 -23.11 8.96 -19.91
C ALA A 89 -24.55 8.64 -19.54
N PHE A 90 -25.22 9.60 -18.91
CA PHE A 90 -26.59 9.35 -18.43
C PHE A 90 -27.66 9.39 -19.52
N VAL A 91 -27.36 10.10 -20.60
CA VAL A 91 -28.24 10.16 -21.77
C VAL A 91 -28.08 8.90 -22.62
N ILE A 92 -26.85 8.63 -23.03
CA ILE A 92 -26.54 7.39 -23.69
C ILE A 92 -26.98 6.16 -22.88
N GLY A 93 -26.75 6.18 -21.56
CA GLY A 93 -27.08 5.08 -20.69
C GLY A 93 -28.51 5.01 -20.10
N ALA A 94 -29.39 5.88 -20.56
CA ALA A 94 -30.70 6.03 -19.92
C ALA A 94 -31.47 4.72 -19.95
N ASN A 95 -31.46 4.04 -21.09
CA ASN A 95 -32.16 2.78 -21.24
C ASN A 95 -31.53 1.68 -20.39
N HIS A 96 -30.20 1.67 -20.33
CA HIS A 96 -29.54 0.77 -19.39
C HIS A 96 -29.91 0.98 -17.92
N ILE A 97 -29.97 2.25 -17.52
CA ILE A 97 -30.25 2.58 -16.15
C ILE A 97 -31.72 2.25 -15.81
N GLY A 98 -32.63 2.56 -16.74
CA GLY A 98 -34.08 2.30 -16.51
C GLY A 98 -34.57 3.16 -15.36
N ALA A 99 -35.19 2.53 -14.35
CA ALA A 99 -35.64 3.18 -13.11
C ALA A 99 -34.65 3.14 -11.95
N ASP A 100 -33.48 2.56 -12.18
CA ASP A 100 -32.59 2.26 -11.10
C ASP A 100 -31.67 3.44 -10.79
N SER A 101 -30.96 3.34 -9.68
CA SER A 101 -29.84 4.23 -9.36
C SER A 101 -28.64 3.79 -10.24
N VAL A 102 -27.63 4.64 -10.25
CA VAL A 102 -26.48 4.38 -11.15
C VAL A 102 -25.17 4.73 -10.49
N ALA A 103 -24.14 3.94 -10.83
CA ALA A 103 -22.76 4.26 -10.48
C ALA A 103 -22.04 4.52 -11.82
N LEU A 104 -21.40 5.68 -11.89
CA LEU A 104 -20.55 6.03 -13.03
C LEU A 104 -19.12 6.04 -12.59
N VAL A 105 -18.23 5.37 -13.37
CA VAL A 105 -16.81 5.42 -13.09
C VAL A 105 -16.12 5.79 -14.41
N LEU A 106 -15.10 6.59 -14.27
CA LEU A 106 -14.31 7.03 -15.39
C LEU A 106 -13.28 5.94 -15.76
N GLY A 107 -13.15 5.73 -17.05
CA GLY A 107 -12.34 4.62 -17.54
C GLY A 107 -10.86 4.68 -17.29
N ASP A 108 -10.38 5.89 -17.06
CA ASP A 108 -8.99 6.14 -16.74
C ASP A 108 -8.64 6.25 -15.29
N ASN A 109 -9.59 5.88 -14.39
CA ASN A 109 -9.35 6.03 -12.97
C ASN A 109 -9.03 4.69 -12.29
N ILE A 110 -8.06 4.77 -11.37
CA ILE A 110 -7.70 3.68 -10.50
C ILE A 110 -7.94 4.06 -9.02
N PHE A 111 -8.68 3.20 -8.34
CA PHE A 111 -9.02 3.36 -6.91
C PHE A 111 -8.46 2.17 -6.15
N TYR A 112 -7.56 2.43 -5.18
CA TYR A 112 -6.96 1.36 -4.40
C TYR A 112 -6.87 1.76 -2.94
N GLY A 113 -7.39 0.90 -2.06
CA GLY A 113 -7.03 0.98 -0.63
C GLY A 113 -8.28 0.93 0.25
N PRO A 114 -8.10 1.27 1.53
CA PRO A 114 -9.20 1.24 2.50
C PRO A 114 -10.44 2.00 2.01
N GLY A 115 -11.57 1.34 2.08
CA GLY A 115 -12.82 2.00 1.68
C GLY A 115 -13.09 1.96 0.18
N LEU A 116 -12.15 1.42 -0.61
CA LEU A 116 -12.36 1.40 -2.08
C LEU A 116 -12.51 -0.01 -2.67
N GLY A 117 -12.81 -0.96 -1.81
CA GLY A 117 -13.19 -2.27 -2.25
C GLY A 117 -14.65 -2.60 -1.97
N THR A 118 -14.89 -3.76 -1.37
CA THR A 118 -16.28 -4.23 -1.27
C THR A 118 -17.13 -3.35 -0.35
N SER A 119 -16.51 -2.56 0.52
CA SER A 119 -17.32 -1.58 1.29
C SER A 119 -18.12 -0.59 0.42
N LEU A 120 -17.73 -0.39 -0.85
CA LEU A 120 -18.47 0.54 -1.73
C LEU A 120 -19.93 0.10 -1.97
N LYS A 121 -20.29 -1.13 -1.59
CA LYS A 121 -21.68 -1.61 -1.80
C LYS A 121 -22.71 -0.81 -1.00
N ARG A 122 -22.22 -0.13 0.03
CA ARG A 122 -23.03 0.79 0.84
C ARG A 122 -23.69 1.87 0.00
N PHE A 123 -23.13 2.19 -1.18
CA PHE A 123 -23.72 3.22 -1.98
C PHE A 123 -24.89 2.79 -2.84
N GLN A 124 -25.24 1.50 -2.89
CA GLN A 124 -26.33 1.11 -3.74
C GLN A 124 -27.68 1.69 -3.30
N SER A 125 -27.72 2.08 -2.05
CA SER A 125 -28.93 2.64 -1.47
C SER A 125 -29.04 4.14 -1.68
N ILE A 126 -28.20 4.72 -2.53
CA ILE A 126 -28.13 6.17 -2.68
C ILE A 126 -29.48 6.80 -2.93
N SER A 127 -29.68 7.92 -2.20
CA SER A 127 -30.64 8.92 -2.55
C SER A 127 -29.87 10.24 -2.71
N GLY A 128 -30.20 10.95 -3.75
CA GLY A 128 -29.44 12.15 -4.14
C GLY A 128 -28.21 11.70 -4.91
N GLY A 129 -27.11 12.39 -4.66
CA GLY A 129 -25.81 12.00 -5.24
C GLY A 129 -24.72 11.89 -4.23
N ALA A 130 -23.64 11.17 -4.57
CA ALA A 130 -22.55 10.96 -3.67
C ALA A 130 -21.30 10.96 -4.49
N ILE A 131 -20.38 11.84 -4.12
CA ILE A 131 -19.05 11.94 -4.74
C ILE A 131 -17.98 11.93 -3.64
N PHE A 132 -16.73 11.98 -4.08
CA PHE A 132 -15.59 11.86 -3.20
C PHE A 132 -14.64 13.03 -3.34
N ALA A 133 -13.66 13.08 -2.41
CA ALA A 133 -12.62 14.10 -2.36
C ALA A 133 -11.26 13.48 -2.02
N TYR A 134 -10.20 14.02 -2.61
CA TYR A 134 -8.83 13.52 -2.40
C TYR A 134 -7.84 14.66 -2.55
N TRP A 135 -6.93 14.83 -1.58
CA TRP A 135 -5.92 15.94 -1.64
C TRP A 135 -4.95 15.77 -2.80
N VAL A 136 -4.74 16.84 -3.57
CA VAL A 136 -3.74 16.90 -4.64
C VAL A 136 -2.91 18.21 -4.59
N ALA A 137 -1.65 18.11 -5.03
CA ALA A 137 -0.75 19.27 -5.10
C ALA A 137 -1.13 20.32 -6.15
N ASN A 138 -1.68 19.89 -7.30
CA ASN A 138 -2.01 20.81 -8.41
C ASN A 138 -3.52 20.86 -8.70
N PRO A 139 -4.33 21.33 -7.73
CA PRO A 139 -5.78 21.19 -7.90
C PRO A 139 -6.34 21.86 -9.17
N SER A 140 -5.72 22.96 -9.61
CA SER A 140 -6.20 23.65 -10.82
C SER A 140 -6.31 22.70 -12.03
N ALA A 141 -5.58 21.58 -11.99
CA ALA A 141 -5.68 20.51 -12.99
C ALA A 141 -6.94 19.62 -12.89
N TYR A 142 -7.77 19.83 -11.86
CA TYR A 142 -8.85 18.88 -11.54
C TYR A 142 -10.14 19.64 -11.31
N GLY A 143 -11.24 18.88 -11.15
CA GLY A 143 -12.44 19.40 -10.52
C GLY A 143 -12.26 19.50 -9.02
N VAL A 144 -12.64 20.61 -8.43
CA VAL A 144 -12.29 20.87 -7.04
C VAL A 144 -13.51 21.07 -6.13
N VAL A 145 -13.54 20.36 -4.99
CA VAL A 145 -14.58 20.59 -3.99
C VAL A 145 -14.01 21.54 -2.98
N GLU A 146 -14.75 22.61 -2.71
CA GLU A 146 -14.49 23.47 -1.56
C GLU A 146 -15.40 23.08 -0.40
N PHE A 147 -14.86 23.15 0.80
CA PHE A 147 -15.54 22.69 2.01
C PHE A 147 -15.75 23.90 2.93
N LEU A 154 -20.58 22.51 -0.04
CA LEU A 154 -20.29 23.93 -0.14
C LEU A 154 -20.12 24.48 -1.56
N SER A 155 -19.19 23.93 -2.35
CA SER A 155 -18.86 24.51 -3.65
C SER A 155 -18.03 23.58 -4.55
N LEU A 156 -18.25 23.66 -5.86
CA LEU A 156 -17.52 22.84 -6.84
C LEU A 156 -16.99 23.71 -7.95
N GLU A 157 -15.84 23.37 -8.53
CA GLU A 157 -15.32 24.12 -9.68
C GLU A 157 -14.41 23.29 -10.60
N GLU A 158 -14.69 23.30 -11.91
CA GLU A 158 -13.87 22.56 -12.87
C GLU A 158 -12.63 23.38 -13.23
N LYS A 159 -11.46 22.75 -13.10
CA LYS A 159 -10.17 23.37 -13.40
C LYS A 159 -9.97 24.71 -12.70
N PRO A 163 -8.49 29.03 -7.14
CA PRO A 163 -8.39 27.67 -6.57
C PRO A 163 -8.31 27.67 -5.05
N LYS A 164 -9.15 26.88 -4.39
CA LYS A 164 -9.49 27.14 -2.98
C LYS A 164 -9.90 25.94 -2.10
N SER A 165 -9.31 24.76 -2.34
CA SER A 165 -9.38 23.66 -1.33
C SER A 165 -8.34 22.52 -1.41
N ASN A 166 -7.64 22.44 -2.54
CA ASN A 166 -6.77 21.29 -2.87
C ASN A 166 -7.44 19.90 -2.95
N TYR A 167 -8.75 19.81 -2.77
CA TYR A 167 -9.46 18.52 -2.89
C TYR A 167 -10.06 18.37 -4.26
N ALA A 168 -9.49 17.41 -4.98
CA ALA A 168 -9.96 16.98 -6.25
C ALA A 168 -11.14 16.04 -6.01
N VAL A 169 -12.05 16.06 -6.96
CA VAL A 169 -13.15 15.13 -7.02
C VAL A 169 -12.74 13.98 -7.98
N PRO A 170 -12.54 12.77 -7.44
CA PRO A 170 -12.27 11.61 -8.27
C PRO A 170 -13.39 11.20 -9.21
N GLY A 171 -13.08 10.30 -10.15
CA GLY A 171 -14.03 9.90 -11.17
C GLY A 171 -14.87 8.69 -10.81
N LEU A 172 -15.58 8.78 -9.66
CA LEU A 172 -16.53 7.75 -9.20
C LEU A 172 -17.72 8.50 -8.60
N TYR A 173 -18.86 8.24 -9.17
CA TYR A 173 -20.05 9.03 -8.81
C TYR A 173 -21.20 8.08 -8.65
N PHE A 174 -22.01 8.30 -7.56
CA PHE A 174 -23.25 7.51 -7.41
C PHE A 174 -24.48 8.41 -7.42
N TYR A 175 -25.49 8.07 -8.18
CA TYR A 175 -26.71 8.92 -8.26
C TYR A 175 -27.98 8.11 -8.19
N ASP A 176 -29.00 8.72 -7.60
CA ASP A 176 -30.33 8.28 -7.87
C ASP A 176 -30.82 8.44 -9.30
N ASN A 177 -32.03 7.99 -9.59
CA ASN A 177 -32.55 7.94 -10.93
C ASN A 177 -32.82 9.33 -11.56
N ASP A 178 -32.92 10.35 -10.71
CA ASP A 178 -33.05 11.73 -11.19
C ASP A 178 -31.91 12.27 -12.07
N VAL A 179 -30.76 11.57 -12.03
CA VAL A 179 -29.63 12.04 -12.81
C VAL A 179 -29.87 12.11 -14.31
N ILE A 180 -30.72 11.24 -14.84
CA ILE A 180 -30.98 11.18 -16.24
C ILE A 180 -31.61 12.47 -16.73
N GLU A 181 -32.65 12.90 -16.05
CA GLU A 181 -33.26 14.15 -16.44
C GLU A 181 -32.40 15.36 -16.15
N ILE A 182 -31.59 15.32 -15.11
CA ILE A 182 -30.64 16.39 -14.80
C ILE A 182 -29.65 16.56 -15.95
N ALA A 183 -29.07 15.44 -16.39
CA ALA A 183 -28.16 15.41 -17.55
C ALA A 183 -28.79 15.87 -18.87
N ARG A 184 -30.02 15.45 -19.13
CA ARG A 184 -30.70 15.78 -20.39
C ARG A 184 -30.88 17.29 -20.55
N GLY A 185 -30.93 18.01 -19.43
CA GLY A 185 -31.16 19.47 -19.43
C GLY A 185 -29.92 20.33 -19.65
N LEU A 186 -28.74 19.71 -19.70
CA LEU A 186 -27.48 20.47 -19.75
C LEU A 186 -27.17 21.03 -21.11
N LYS A 187 -26.40 22.12 -21.13
CA LYS A 187 -25.76 22.58 -22.37
C LYS A 187 -24.25 22.41 -22.33
N LYS A 188 -23.68 22.32 -23.53
CA LYS A 188 -22.24 22.24 -23.68
C LYS A 188 -21.60 23.47 -23.10
N SER A 189 -20.49 23.24 -22.43
CA SER A 189 -19.65 24.28 -21.92
C SER A 189 -18.86 24.95 -23.04
N ALA A 190 -18.04 25.93 -22.66
CA ALA A 190 -17.21 26.66 -23.62
C ALA A 190 -16.25 25.73 -24.38
N ARG A 191 -15.89 24.60 -23.77
CA ARG A 191 -14.98 23.67 -24.43
C ARG A 191 -15.68 22.56 -25.18
N GLY A 192 -17.00 22.68 -25.30
CA GLY A 192 -17.73 21.82 -26.18
C GLY A 192 -18.15 20.48 -25.58
N GLU A 193 -18.18 20.43 -24.25
CA GLU A 193 -18.54 19.21 -23.52
C GLU A 193 -19.71 19.42 -22.53
N TYR A 194 -20.54 18.40 -22.43
CA TYR A 194 -21.50 18.29 -21.33
C TYR A 194 -20.80 17.79 -20.08
N GLU A 195 -20.84 18.58 -19.01
CA GLU A 195 -19.89 18.54 -17.92
C GLU A 195 -20.47 17.81 -16.71
N ILE A 196 -19.75 16.83 -16.21
CA ILE A 196 -20.18 16.18 -14.96
C ILE A 196 -20.27 17.15 -13.78
N THR A 197 -19.43 18.20 -13.75
CA THR A 197 -19.41 19.11 -12.63
CA THR A 197 -19.42 19.14 -12.64
C THR A 197 -20.75 19.83 -12.57
N GLU A 198 -21.41 19.98 -13.73
CA GLU A 198 -22.74 20.65 -13.82
C GLU A 198 -23.83 19.76 -13.24
N VAL A 199 -23.71 18.44 -13.48
CA VAL A 199 -24.61 17.46 -12.83
C VAL A 199 -24.44 17.53 -11.30
N ASN A 200 -23.20 17.48 -10.83
CA ASN A 200 -22.88 17.52 -9.45
C ASN A 200 -23.38 18.83 -8.80
N GLN A 201 -23.28 19.91 -9.56
CA GLN A 201 -23.74 21.22 -9.05
C GLN A 201 -25.24 21.23 -8.76
N VAL A 202 -26.01 20.59 -9.62
CA VAL A 202 -27.45 20.56 -9.41
C VAL A 202 -27.75 19.86 -8.11
N TYR A 203 -27.20 18.67 -7.90
CA TYR A 203 -27.38 18.05 -6.62
C TYR A 203 -26.91 18.88 -5.44
N LEU A 204 -25.78 19.58 -5.59
CA LEU A 204 -25.20 20.34 -4.54
C LEU A 204 -26.19 21.44 -4.19
N ASN A 205 -26.63 22.15 -5.22
CA ASN A 205 -27.52 23.34 -5.05
C ASN A 205 -28.81 22.96 -4.33
N GLN A 206 -29.31 21.73 -4.56
CA GLN A 206 -30.57 21.22 -3.97
C GLN A 206 -30.43 20.53 -2.64
N GLY A 207 -29.24 20.57 -2.05
CA GLY A 207 -28.99 20.00 -0.78
C GLY A 207 -28.97 18.49 -0.78
N ARG A 208 -28.71 17.90 -1.96
CA ARG A 208 -28.80 16.43 -2.12
C ARG A 208 -27.46 15.82 -2.57
N LEU A 209 -26.36 16.51 -2.31
CA LEU A 209 -25.00 15.95 -2.62
C LEU A 209 -24.19 15.63 -1.39
N ALA A 210 -23.86 14.34 -1.21
CA ALA A 210 -22.99 13.91 -0.16
C ALA A 210 -21.56 13.81 -0.68
N VAL A 211 -20.61 14.14 0.18
CA VAL A 211 -19.19 14.11 -0.18
C VAL A 211 -18.42 13.42 0.94
N GLU A 212 -17.54 12.49 0.57
CA GLU A 212 -16.61 11.96 1.54
C GLU A 212 -15.18 12.04 1.06
N VAL A 213 -14.27 12.48 1.94
CA VAL A 213 -12.84 12.41 1.65
C VAL A 213 -12.47 10.94 1.69
N LEU A 214 -11.66 10.51 0.73
CA LEU A 214 -11.21 9.15 0.73
C LEU A 214 -10.30 8.91 1.95
N ALA A 215 -10.34 7.69 2.42
CA ALA A 215 -9.57 7.25 3.57
C ALA A 215 -8.06 7.43 3.48
N ARG A 216 -7.45 7.61 4.64
CA ARG A 216 -6.00 7.65 4.73
C ARG A 216 -5.43 6.36 4.15
N GLY A 217 -4.40 6.49 3.31
CA GLY A 217 -3.71 5.34 2.74
C GLY A 217 -4.29 4.91 1.40
N THR A 218 -5.27 5.65 0.93
CA THR A 218 -5.85 5.32 -0.40
C THR A 218 -5.01 5.93 -1.50
N ALA A 219 -4.95 5.20 -2.61
CA ALA A 219 -4.39 5.70 -3.85
C ALA A 219 -5.54 5.96 -4.84
N TRP A 220 -5.56 7.15 -5.36
CA TRP A 220 -6.41 7.50 -6.50
C TRP A 220 -5.49 7.98 -7.62
N LEU A 221 -5.69 7.43 -8.82
CA LEU A 221 -4.87 7.77 -9.95
C LEU A 221 -5.72 8.03 -11.18
N ASP A 222 -5.26 8.96 -12.01
CA ASP A 222 -5.84 9.20 -13.30
C ASP A 222 -4.67 8.93 -14.25
N THR A 223 -4.88 8.12 -15.28
CA THR A 223 -3.76 7.73 -16.13
C THR A 223 -3.65 8.48 -17.47
N GLY A 224 -4.12 9.69 -17.52
CA GLY A 224 -4.24 10.36 -18.81
C GLY A 224 -3.12 11.25 -19.28
N THR A 225 -1.97 11.18 -18.62
CA THR A 225 -0.74 11.81 -19.09
C THR A 225 0.38 10.81 -19.15
N PHE A 226 1.47 11.15 -19.85
CA PHE A 226 2.54 10.13 -19.93
C PHE A 226 3.10 9.76 -18.55
N ASP A 227 3.32 10.79 -17.72
CA ASP A 227 3.89 10.54 -16.43
C ASP A 227 2.89 9.82 -15.51
N SER A 228 1.59 10.18 -15.57
CA SER A 228 0.66 9.53 -14.68
C SER A 228 0.35 8.11 -15.04
N LEU A 229 0.34 7.80 -16.36
CA LEU A 229 0.24 6.42 -16.79
C LEU A 229 1.41 5.55 -16.28
N LEU A 230 2.63 6.07 -16.41
CA LEU A 230 3.80 5.30 -16.06
C LEU A 230 3.95 5.18 -14.52
N ASP A 231 3.63 6.26 -13.81
CA ASP A 231 3.58 6.20 -12.35
C ASP A 231 2.57 5.15 -11.87
N ALA A 232 1.40 5.04 -12.56
CA ALA A 232 0.47 4.05 -12.17
C ALA A 232 0.96 2.62 -12.31
N ALA A 233 1.55 2.34 -13.49
CA ALA A 233 2.09 1.03 -13.74
C ALA A 233 3.22 0.67 -12.72
N ASP A 234 4.08 1.64 -12.48
CA ASP A 234 5.18 1.46 -11.48
C ASP A 234 4.56 1.09 -10.09
N PHE A 235 3.46 1.78 -9.71
CA PHE A 235 2.78 1.51 -8.44
C PHE A 235 2.24 0.12 -8.36
N VAL A 236 1.51 -0.33 -9.40
CA VAL A 236 0.92 -1.62 -9.37
C VAL A 236 1.99 -2.70 -9.24
N ARG A 237 3.09 -2.55 -10.00
CA ARG A 237 4.15 -3.54 -9.88
C ARG A 237 4.75 -3.55 -8.48
N THR A 238 4.90 -2.37 -7.93
CA THR A 238 5.52 -2.23 -6.58
C THR A 238 4.66 -3.01 -5.60
N LEU A 239 3.33 -2.87 -5.67
CA LEU A 239 2.45 -3.64 -4.80
C LEU A 239 2.69 -5.12 -4.87
N GLU A 240 2.87 -5.65 -6.07
CA GLU A 240 3.15 -7.04 -6.25
C GLU A 240 4.52 -7.46 -5.70
N ARG A 241 5.54 -6.73 -6.10
CA ARG A 241 6.91 -7.13 -5.79
C ARG A 241 7.19 -6.99 -4.29
N ARG A 242 6.61 -5.98 -3.65
CA ARG A 242 6.92 -5.63 -2.25
C ARG A 242 5.90 -6.17 -1.21
N GLN A 243 4.63 -6.25 -1.59
CA GLN A 243 3.58 -6.70 -0.70
C GLN A 243 2.88 -7.99 -1.13
N GLY A 244 3.24 -8.54 -2.30
CA GLY A 244 2.71 -9.78 -2.74
C GLY A 244 1.26 -9.67 -3.23
N LEU A 245 0.83 -8.47 -3.57
CA LEU A 245 -0.57 -8.23 -3.85
C LEU A 245 -0.74 -7.94 -5.34
N LYS A 246 -1.68 -8.64 -5.93
CA LYS A 246 -2.23 -8.24 -7.23
C LYS A 246 -3.52 -7.48 -6.96
N VAL A 247 -3.74 -6.42 -7.74
CA VAL A 247 -4.91 -5.58 -7.48
C VAL A 247 -5.79 -5.42 -8.70
N SER A 248 -7.09 -5.27 -8.43
CA SER A 248 -8.09 -5.12 -9.51
C SER A 248 -8.08 -6.26 -10.51
N ILE A 249 -8.02 -7.50 -10.02
CA ILE A 249 -8.08 -8.68 -10.86
C ILE A 249 -9.55 -9.10 -10.93
N PRO A 250 -10.24 -8.87 -12.07
CA PRO A 250 -11.67 -9.13 -12.11
C PRO A 250 -12.08 -10.58 -11.86
N GLU A 251 -11.24 -11.52 -12.30
CA GLU A 251 -11.57 -12.95 -12.07
C GLU A 251 -11.64 -13.25 -10.57
N GLU A 252 -10.75 -12.67 -9.83
CA GLU A 252 -10.65 -12.91 -8.39
C GLU A 252 -11.85 -12.25 -7.72
N VAL A 253 -12.19 -11.04 -8.15
CA VAL A 253 -13.32 -10.36 -7.55
C VAL A 253 -14.57 -11.15 -7.80
N ALA A 254 -14.77 -11.61 -9.04
CA ALA A 254 -15.95 -12.39 -9.40
C ALA A 254 -16.00 -13.67 -8.55
N TRP A 255 -14.86 -14.32 -8.40
CA TRP A 255 -14.77 -15.55 -7.60
C TRP A 255 -15.15 -15.32 -6.13
N ARG A 256 -14.61 -14.27 -5.53
CA ARG A 256 -14.88 -13.97 -4.12
C ARG A 256 -16.33 -13.55 -3.89
N MET A 257 -16.94 -12.90 -4.89
CA MET A 257 -18.38 -12.56 -4.82
C MET A 257 -19.33 -13.71 -5.12
N GLY A 258 -18.80 -14.86 -5.51
CA GLY A 258 -19.62 -15.96 -6.00
C GLY A 258 -20.30 -15.87 -7.35
N TRP A 259 -19.80 -15.00 -8.22
CA TRP A 259 -20.31 -14.86 -9.57
C TRP A 259 -19.64 -15.86 -10.54
N ILE A 260 -18.47 -16.37 -10.18
CA ILE A 260 -17.88 -17.52 -10.89
C ILE A 260 -17.45 -18.53 -9.83
N ASP A 261 -17.47 -19.80 -10.21
CA ASP A 261 -17.08 -20.86 -9.31
C ASP A 261 -15.63 -21.29 -9.54
N ASP A 262 -15.20 -22.35 -8.84
CA ASP A 262 -13.82 -22.83 -8.89
C ASP A 262 -13.43 -23.32 -10.27
N GLU A 263 -14.37 -23.97 -10.94
CA GLU A 263 -14.06 -24.59 -12.23
C GLU A 263 -13.86 -23.48 -13.25
N GLN A 264 -14.70 -22.45 -13.17
CA GLN A 264 -14.60 -21.30 -14.08
C GLN A 264 -13.29 -20.55 -13.84
N LEU A 265 -12.92 -20.40 -12.58
CA LEU A 265 -11.66 -19.73 -12.26
C LEU A 265 -10.47 -20.47 -12.88
N VAL A 266 -10.45 -21.79 -12.73
CA VAL A 266 -9.36 -22.59 -13.35
C VAL A 266 -9.38 -22.51 -14.88
N GLN A 267 -10.54 -22.44 -15.51
CA GLN A 267 -10.58 -22.32 -16.95
C GLN A 267 -9.96 -20.96 -17.33
N ARG A 268 -10.24 -19.91 -16.57
CA ARG A 268 -9.56 -18.61 -16.81
C ARG A 268 -8.06 -18.68 -16.64
N ALA A 269 -7.59 -19.30 -15.57
CA ALA A 269 -6.17 -19.41 -15.30
C ALA A 269 -5.45 -20.08 -16.48
N ARG A 270 -6.02 -21.17 -16.98
CA ARG A 270 -5.37 -21.93 -18.04
C ARG A 270 -5.18 -21.10 -19.31
N ALA A 271 -6.14 -20.22 -19.61
CA ALA A 271 -6.04 -19.37 -20.79
C ALA A 271 -4.93 -18.30 -20.67
N LEU A 272 -4.43 -18.07 -19.46
CA LEU A 272 -3.58 -16.89 -19.15
C LEU A 272 -2.24 -17.35 -18.56
N VAL A 273 -1.86 -18.59 -18.88
CA VAL A 273 -0.64 -19.19 -18.33
C VAL A 273 0.70 -18.55 -18.78
N LYS A 274 0.79 -18.17 -20.05
CA LYS A 274 2.08 -17.69 -20.59
C LYS A 274 2.59 -16.36 -20.06
N SER A 275 1.68 -15.46 -19.66
CA SER A 275 2.09 -14.15 -19.18
C SER A 275 2.39 -14.15 -17.69
N GLY A 276 1.91 -15.20 -17.00
CA GLY A 276 2.02 -15.24 -15.56
C GLY A 276 0.74 -14.86 -14.85
N TYR A 277 -0.14 -14.13 -15.53
CA TYR A 277 -1.40 -13.73 -14.89
C TYR A 277 -2.19 -14.94 -14.40
N GLY A 278 -2.34 -15.99 -15.21
CA GLY A 278 -3.09 -17.18 -14.81
C GLY A 278 -2.51 -17.89 -13.59
N ASN A 279 -1.19 -17.81 -13.40
CA ASN A 279 -0.56 -18.46 -12.24
C ASN A 279 -1.07 -17.88 -10.94
N TYR A 280 -1.29 -16.56 -10.92
CA TYR A 280 -1.95 -15.94 -9.79
C TYR A 280 -3.32 -16.54 -9.50
N LEU A 281 -4.11 -16.77 -10.53
CA LEU A 281 -5.48 -17.27 -10.36
C LEU A 281 -5.45 -18.70 -9.78
N LEU A 282 -4.50 -19.51 -10.26
CA LEU A 282 -4.30 -20.85 -9.69
C LEU A 282 -3.94 -20.81 -8.22
N GLU A 283 -3.03 -19.92 -7.85
CA GLU A 283 -2.63 -19.74 -6.48
C GLU A 283 -3.82 -19.41 -5.58
N LEU A 284 -4.85 -18.77 -6.13
CA LEU A 284 -6.01 -18.43 -5.29
C LEU A 284 -6.66 -19.69 -4.78
N LEU A 285 -6.64 -20.71 -5.61
CA LEU A 285 -7.27 -21.97 -5.25
C LEU A 285 -6.36 -22.73 -4.28
N GLU A 286 -5.09 -22.86 -4.63
CA GLU A 286 -4.06 -23.36 -3.70
C GLU A 286 -3.81 -22.39 -2.54
N MET B 1 8.87 -6.21 28.85
CA MET B 1 9.82 -6.67 27.80
C MET B 1 10.84 -5.58 27.44
N ARG B 2 12.07 -5.99 27.14
CA ARG B 2 13.13 -5.06 26.75
C ARG B 2 13.48 -5.29 25.29
N GLY B 3 14.11 -4.30 24.67
CA GLY B 3 14.46 -4.42 23.26
C GLY B 3 15.92 -4.23 22.94
N ILE B 4 16.34 -4.95 21.92
CA ILE B 4 17.69 -4.89 21.39
C ILE B 4 17.62 -4.76 19.87
N ILE B 5 18.43 -3.85 19.33
CA ILE B 5 18.65 -3.78 17.88
C ILE B 5 20.08 -4.13 17.58
N LEU B 6 20.28 -5.17 16.78
CA LEU B 6 21.55 -5.47 16.20
C LEU B 6 21.90 -4.49 15.08
N ALA B 7 22.72 -3.50 15.42
CA ALA B 7 23.10 -2.45 14.48
C ALA B 7 24.60 -2.44 14.16
N GLY B 8 25.26 -3.58 14.36
CA GLY B 8 26.63 -3.73 13.97
C GLY B 8 26.84 -4.46 12.66
N GLY B 9 27.80 -5.39 12.66
CA GLY B 9 28.22 -6.10 11.47
C GLY B 9 29.12 -5.41 10.47
N SER B 10 29.64 -6.19 9.54
CA SER B 10 30.50 -5.65 8.52
C SER B 10 29.80 -5.09 7.27
N GLY B 11 28.64 -5.64 6.95
CA GLY B 11 27.94 -5.29 5.71
C GLY B 11 28.70 -5.55 4.42
N THR B 12 29.28 -6.75 4.30
CA THR B 12 30.16 -7.01 3.16
C THR B 12 29.46 -6.96 1.79
N ARG B 13 28.19 -7.37 1.73
CA ARG B 13 27.47 -7.34 0.47
C ARG B 13 27.12 -5.94 0.01
N LEU B 14 27.44 -4.91 0.80
CA LEU B 14 27.38 -3.55 0.33
C LEU B 14 28.74 -2.85 0.15
N TYR B 15 29.87 -3.53 0.27
CA TYR B 15 31.15 -2.91 -0.12
C TYR B 15 31.15 -2.39 -1.56
N PRO B 16 31.62 -1.18 -1.84
CA PRO B 16 32.46 -0.36 -0.91
C PRO B 16 31.65 0.66 -0.11
N ILE B 17 30.31 0.65 -0.25
CA ILE B 17 29.50 1.64 0.46
C ILE B 17 29.78 1.56 1.97
N THR B 18 29.78 0.35 2.51
CA THR B 18 29.83 0.12 3.93
C THR B 18 31.29 0.02 4.43
N MET B 19 32.24 0.40 3.60
CA MET B 19 33.61 0.68 4.12
C MET B 19 33.65 2.10 4.69
N GLY B 20 32.71 2.96 4.29
CA GLY B 20 32.59 4.31 4.84
C GLY B 20 31.48 4.54 5.88
N ILE B 21 30.46 3.70 5.87
CA ILE B 21 29.32 3.92 6.74
C ILE B 21 28.73 2.58 7.15
N SER B 22 28.24 2.48 8.38
CA SER B 22 27.39 1.37 8.76
C SER B 22 26.18 1.20 7.83
N LYS B 23 25.87 -0.04 7.48
CA LYS B 23 24.55 -0.37 6.83
C LYS B 23 23.37 0.30 7.56
N GLN B 24 23.44 0.40 8.89
CA GLN B 24 22.31 0.86 9.65
C GLN B 24 22.18 2.39 9.68
N LEU B 25 23.11 3.10 9.08
CA LEU B 25 22.96 4.55 8.95
C LEU B 25 22.65 4.97 7.49
N LEU B 26 22.51 4.00 6.61
CA LEU B 26 22.18 4.28 5.21
C LEU B 26 20.75 4.81 5.09
N PRO B 27 20.54 5.67 4.11
CA PRO B 27 19.24 6.28 3.90
C PRO B 27 18.31 5.27 3.23
N VAL B 28 17.06 5.22 3.66
CA VAL B 28 16.02 4.52 2.92
C VAL B 28 14.93 5.57 2.67
N TYR B 29 15.16 6.32 1.59
CA TYR B 29 14.37 7.50 1.16
C TYR B 29 14.52 8.77 2.00
N ASP B 30 13.82 8.80 3.12
CA ASP B 30 13.69 10.03 3.89
C ASP B 30 14.13 9.86 5.34
N LYS B 31 14.77 8.75 5.65
CA LYS B 31 15.20 8.50 7.04
C LYS B 31 16.33 7.50 7.03
N PRO B 32 17.19 7.51 8.07
CA PRO B 32 18.10 6.36 8.20
C PRO B 32 17.46 4.98 8.46
N MET B 33 18.17 3.96 8.01
CA MET B 33 17.77 2.60 8.13
C MET B 33 17.38 2.26 9.54
N ILE B 34 18.19 2.70 10.51
CA ILE B 34 17.93 2.35 11.91
C ILE B 34 16.55 2.77 12.38
N TYR B 35 15.95 3.79 11.74
CA TYR B 35 14.60 4.21 12.16
C TYR B 35 13.54 3.11 12.01
N TYR B 36 13.70 2.23 11.03
CA TYR B 36 12.72 1.20 10.77
C TYR B 36 12.64 0.16 11.90
N PRO B 37 13.75 -0.54 12.22
CA PRO B 37 13.69 -1.46 13.37
C PRO B 37 13.41 -0.75 14.70
N LEU B 38 13.89 0.47 14.85
CA LEU B 38 13.56 1.23 16.05
C LEU B 38 12.06 1.39 16.21
N THR B 39 11.35 1.71 15.13
CA THR B 39 9.92 1.99 15.24
C THR B 39 9.13 0.71 15.43
N THR B 40 9.65 -0.41 14.94
CA THR B 40 9.08 -1.72 15.14
C THR B 40 9.01 -2.00 16.67
N LEU B 41 10.13 -1.79 17.37
CA LEU B 41 10.16 -2.04 18.83
C LEU B 41 9.22 -1.09 19.53
N MET B 42 9.32 0.18 19.16
CA MET B 42 8.43 1.20 19.70
C MET B 42 6.95 0.81 19.56
N MET B 43 6.56 0.24 18.43
CA MET B 43 5.15 -0.10 18.21
C MET B 43 4.75 -1.37 18.99
N ALA B 44 5.73 -2.24 19.27
CA ALA B 44 5.57 -3.37 20.19
C ALA B 44 5.42 -2.95 21.66
N GLY B 45 5.41 -1.63 21.91
CA GLY B 45 5.24 -1.11 23.28
C GLY B 45 6.52 -0.95 24.08
N ILE B 46 7.66 -1.14 23.43
CA ILE B 46 8.95 -1.17 24.08
C ILE B 46 9.63 0.19 24.08
N ARG B 47 10.12 0.59 25.25
CA ARG B 47 10.59 1.94 25.48
C ARG B 47 12.00 1.97 26.02
N ASP B 48 12.50 0.82 26.47
CA ASP B 48 13.90 0.66 26.88
C ASP B 48 14.68 -0.15 25.86
N ILE B 49 15.47 0.54 25.03
CA ILE B 49 16.04 -0.08 23.85
C ILE B 49 17.53 0.08 23.82
N GLN B 50 18.21 -1.05 23.68
CA GLN B 50 19.66 -1.07 23.55
C GLN B 50 20.05 -1.32 22.11
N LEU B 51 20.85 -0.42 21.57
CA LEU B 51 21.48 -0.57 20.26
C LEU B 51 22.90 -1.10 20.39
N ILE B 52 23.16 -2.22 19.72
CA ILE B 52 24.49 -2.82 19.63
C ILE B 52 25.14 -2.33 18.35
N THR B 53 26.29 -1.65 18.48
CA THR B 53 27.05 -1.15 17.33
C THR B 53 28.50 -1.61 17.35
N THR B 54 29.15 -1.44 16.24
CA THR B 54 30.60 -1.59 16.16
C THR B 54 31.28 -0.43 16.90
N PRO B 55 32.57 -0.59 17.27
CA PRO B 55 33.24 0.55 17.92
C PRO B 55 33.32 1.77 17.04
N HIS B 56 33.61 1.55 15.76
CA HIS B 56 33.94 2.65 14.85
C HIS B 56 32.70 3.40 14.32
N ASP B 57 31.55 2.72 14.28
CA ASP B 57 30.30 3.36 13.81
C ASP B 57 29.52 4.05 14.94
N ALA B 58 29.84 3.74 16.18
CA ALA B 58 29.05 4.23 17.29
C ALA B 58 28.82 5.78 17.29
N PRO B 59 29.83 6.58 16.98
CA PRO B 59 29.61 8.02 17.10
C PRO B 59 28.45 8.53 16.21
N GLY B 60 28.34 7.97 15.00
CA GLY B 60 27.19 8.32 14.11
C GLY B 60 25.83 8.08 14.74
N PHE B 61 25.68 6.93 15.36
CA PHE B 61 24.46 6.62 16.03
C PHE B 61 24.14 7.59 17.19
N HIS B 62 25.17 7.87 18.01
CA HIS B 62 25.00 8.81 19.10
C HIS B 62 24.50 10.18 18.59
N ARG B 63 25.13 10.68 17.53
CA ARG B 63 24.72 12.00 16.94
C ARG B 63 23.28 11.98 16.45
N LEU B 64 22.84 10.86 15.90
CA LEU B 64 21.47 10.77 15.34
C LEU B 64 20.44 10.61 16.43
N LEU B 65 20.74 9.71 17.38
CA LEU B 65 19.76 9.24 18.34
C LEU B 65 19.92 9.81 19.77
N GLY B 66 21.12 10.20 20.16
CA GLY B 66 21.36 10.56 21.57
C GLY B 66 20.74 9.52 22.50
N ASP B 67 20.08 9.97 23.57
CA ASP B 67 19.48 9.05 24.52
C ASP B 67 18.02 8.70 24.20
N GLY B 68 17.54 9.14 23.03
CA GLY B 68 16.17 8.83 22.62
C GLY B 68 15.08 9.63 23.30
N ALA B 69 15.44 10.55 24.20
CA ALA B 69 14.45 11.25 25.01
C ALA B 69 13.43 11.89 24.09
N HIS B 70 13.93 12.51 23.02
CA HIS B 70 13.11 13.24 22.07
C HIS B 70 12.08 12.37 21.31
N LEU B 71 12.24 11.05 21.37
CA LEU B 71 11.29 10.12 20.78
C LEU B 71 10.52 9.39 21.85
N GLY B 72 10.56 9.93 23.06
CA GLY B 72 9.90 9.31 24.20
C GLY B 72 10.40 7.92 24.59
N VAL B 73 11.65 7.61 24.28
CA VAL B 73 12.19 6.32 24.67
C VAL B 73 13.56 6.46 25.34
N ASN B 74 14.03 5.34 25.90
CA ASN B 74 15.35 5.25 26.53
C ASN B 74 16.30 4.40 25.68
N ILE B 75 17.09 5.08 24.86
CA ILE B 75 18.05 4.40 24.01
C ILE B 75 19.40 4.28 24.71
N SER B 76 19.81 3.04 24.93
CA SER B 76 21.12 2.76 25.47
C SER B 76 21.99 2.17 24.38
N TYR B 77 23.29 2.14 24.62
CA TYR B 77 24.25 1.63 23.68
C TYR B 77 25.10 0.54 24.28
N ALA B 78 25.49 -0.40 23.45
CA ALA B 78 26.47 -1.43 23.79
C ALA B 78 27.38 -1.67 22.58
N THR B 79 28.62 -2.05 22.84
CA THR B 79 29.60 -2.19 21.80
C THR B 79 29.79 -3.65 21.54
N GLN B 80 29.86 -4.01 20.27
CA GLN B 80 30.25 -5.33 19.84
C GLN B 80 31.57 -5.19 19.14
N ASP B 81 32.65 -5.77 19.71
CA ASP B 81 33.98 -5.47 19.21
C ASP B 81 34.37 -6.18 17.92
N GLN B 82 33.85 -7.38 17.73
CA GLN B 82 33.96 -8.04 16.43
C GLN B 82 32.59 -8.56 16.00
N PRO B 83 32.36 -8.61 14.68
CA PRO B 83 31.07 -9.07 14.15
C PRO B 83 30.93 -10.60 14.22
N ASP B 84 30.78 -11.10 15.45
CA ASP B 84 30.88 -12.53 15.76
C ASP B 84 29.55 -13.23 15.78
N GLY B 85 28.50 -12.56 15.32
CA GLY B 85 27.22 -13.22 15.17
C GLY B 85 26.06 -12.62 15.92
N LEU B 86 24.87 -12.92 15.42
CA LEU B 86 23.64 -12.38 15.91
C LEU B 86 23.28 -12.82 17.35
N ALA B 87 23.58 -14.07 17.71
CA ALA B 87 23.21 -14.58 19.06
C ALA B 87 24.00 -13.88 20.18
N GLN B 88 25.12 -13.27 19.82
CA GLN B 88 25.87 -12.47 20.77
C GLN B 88 25.05 -11.31 21.30
N ALA B 89 23.95 -10.97 20.62
CA ALA B 89 23.02 -10.00 21.17
C ALA B 89 22.64 -10.27 22.62
N PHE B 90 22.49 -11.54 22.96
CA PHE B 90 21.88 -11.87 24.24
C PHE B 90 22.94 -11.97 25.34
N VAL B 91 24.20 -12.10 24.92
CA VAL B 91 25.34 -12.04 25.83
C VAL B 91 25.66 -10.57 26.14
N ILE B 92 25.84 -9.78 25.09
CA ILE B 92 26.12 -8.35 25.21
C ILE B 92 24.99 -7.62 25.94
N GLY B 93 23.74 -8.02 25.68
CA GLY B 93 22.60 -7.31 26.23
C GLY B 93 22.08 -7.94 27.50
N ALA B 94 22.85 -8.90 28.05
CA ALA B 94 22.38 -9.73 29.16
C ALA B 94 21.95 -8.88 30.34
N ASN B 95 22.73 -7.86 30.66
CA ASN B 95 22.40 -6.97 31.77
C ASN B 95 21.27 -6.00 31.41
N HIS B 96 21.24 -5.55 30.17
CA HIS B 96 20.12 -4.76 29.69
C HIS B 96 18.81 -5.52 29.88
N ILE B 97 18.81 -6.80 29.52
CA ILE B 97 17.64 -7.65 29.65
C ILE B 97 17.30 -7.89 31.13
N GLY B 98 18.28 -8.39 31.89
CA GLY B 98 18.09 -8.69 33.30
C GLY B 98 17.06 -9.78 33.51
N ALA B 99 15.94 -9.45 34.15
CA ALA B 99 14.93 -10.44 34.53
C ALA B 99 13.82 -10.58 33.49
N ASP B 100 13.79 -9.64 32.55
CA ASP B 100 12.66 -9.49 31.64
C ASP B 100 12.73 -10.41 30.43
N SER B 101 11.60 -10.50 29.73
CA SER B 101 11.58 -10.97 28.34
C SER B 101 12.21 -9.92 27.41
N VAL B 102 12.59 -10.36 26.21
CA VAL B 102 13.30 -9.48 25.28
C VAL B 102 12.69 -9.51 23.86
N ALA B 103 12.72 -8.37 23.18
CA ALA B 103 12.51 -8.30 21.72
C ALA B 103 13.81 -8.00 20.98
N LEU B 104 14.19 -8.88 20.08
CA LEU B 104 15.35 -8.67 19.22
C LEU B 104 14.89 -8.29 17.80
N VAL B 105 15.36 -7.17 17.28
CA VAL B 105 15.18 -6.90 15.85
C VAL B 105 16.48 -6.59 15.13
N LEU B 106 16.56 -7.07 13.88
CA LEU B 106 17.74 -6.85 13.06
C LEU B 106 17.74 -5.43 12.43
N GLY B 107 18.92 -4.83 12.42
CA GLY B 107 19.06 -3.42 12.08
C GLY B 107 18.79 -3.09 10.63
N ASP B 108 18.88 -4.10 9.77
CA ASP B 108 18.73 -3.92 8.33
C ASP B 108 17.38 -4.45 7.83
N ASN B 109 16.46 -4.76 8.74
CA ASN B 109 15.11 -5.25 8.37
C ASN B 109 14.05 -4.16 8.44
N ILE B 110 13.17 -4.14 7.42
CA ILE B 110 11.97 -3.30 7.40
C ILE B 110 10.72 -4.18 7.43
N PHE B 111 9.82 -3.90 8.36
CA PHE B 111 8.56 -4.62 8.51
C PHE B 111 7.45 -3.60 8.31
N TYR B 112 6.56 -3.86 7.35
CA TYR B 112 5.48 -2.94 7.08
C TYR B 112 4.20 -3.73 6.72
N GLY B 113 3.10 -3.36 7.38
CA GLY B 113 1.77 -3.80 6.98
C GLY B 113 1.00 -4.34 8.16
N PRO B 114 -0.16 -4.95 7.89
CA PRO B 114 -1.06 -5.47 8.92
C PRO B 114 -0.38 -6.46 9.88
N GLY B 115 -0.52 -6.19 11.18
CA GLY B 115 0.05 -7.05 12.21
C GLY B 115 1.50 -6.76 12.56
N LEU B 116 2.05 -5.68 12.00
CA LEU B 116 3.42 -5.27 12.26
C LEU B 116 3.45 -3.88 12.84
N GLY B 117 2.32 -3.42 13.38
CA GLY B 117 2.25 -2.12 14.05
C GLY B 117 2.00 -2.32 15.54
N THR B 118 1.03 -1.58 16.08
CA THR B 118 0.78 -1.57 17.53
C THR B 118 0.15 -2.88 18.03
N SER B 119 -0.30 -3.73 17.11
CA SER B 119 -0.70 -5.12 17.44
C SER B 119 0.44 -5.93 18.05
N LEU B 120 1.68 -5.48 17.83
CA LEU B 120 2.84 -6.28 18.26
C LEU B 120 2.99 -6.32 19.79
N LYS B 121 2.34 -5.40 20.51
CA LYS B 121 2.33 -5.42 22.00
C LYS B 121 1.92 -6.78 22.57
N ARG B 122 1.12 -7.55 21.84
CA ARG B 122 0.69 -8.86 22.32
C ARG B 122 1.83 -9.84 22.61
N PHE B 123 3.00 -9.62 22.03
CA PHE B 123 4.13 -10.53 22.26
C PHE B 123 4.88 -10.22 23.56
N GLN B 124 4.48 -9.16 24.26
CA GLN B 124 5.15 -8.77 25.49
C GLN B 124 5.02 -9.83 26.59
N SER B 125 3.84 -10.41 26.71
CA SER B 125 3.61 -11.49 27.68
C SER B 125 4.06 -12.85 27.13
N ILE B 126 4.98 -12.88 26.17
CA ILE B 126 5.43 -14.14 25.61
C ILE B 126 6.03 -15.04 26.70
N SER B 127 5.67 -16.31 26.65
CA SER B 127 6.43 -17.37 27.29
C SER B 127 7.06 -18.22 26.20
N GLY B 128 8.29 -18.67 26.42
CA GLY B 128 9.06 -19.39 25.41
C GLY B 128 9.58 -18.45 24.33
N GLY B 129 9.57 -18.91 23.08
CA GLY B 129 10.04 -18.11 21.94
C GLY B 129 9.02 -18.02 20.82
N ALA B 130 8.89 -16.82 20.24
CA ALA B 130 8.05 -16.62 19.04
C ALA B 130 8.83 -15.97 17.92
N ILE B 131 8.72 -16.55 16.73
CA ILE B 131 9.34 -16.04 15.51
C ILE B 131 8.28 -15.99 14.41
N PHE B 132 8.71 -15.67 13.18
CA PHE B 132 7.76 -15.37 12.11
C PHE B 132 8.15 -16.05 10.82
N ALA B 133 7.23 -16.04 9.86
CA ALA B 133 7.40 -16.76 8.61
C ALA B 133 6.95 -15.87 7.46
N TYR B 134 7.69 -15.95 6.36
CA TYR B 134 7.40 -15.15 5.17
C TYR B 134 7.74 -15.96 3.94
N TRP B 135 6.75 -16.13 3.06
CA TRP B 135 6.93 -16.95 1.89
C TRP B 135 7.94 -16.31 0.96
N VAL B 136 8.91 -17.10 0.51
CA VAL B 136 9.90 -16.61 -0.43
C VAL B 136 10.13 -17.60 -1.58
N ALA B 137 10.57 -17.08 -2.72
CA ALA B 137 10.80 -17.89 -3.91
C ALA B 137 12.07 -18.73 -3.79
N ASN B 138 12.94 -18.41 -2.85
CA ASN B 138 14.26 -19.03 -2.78
C ASN B 138 14.69 -19.33 -1.35
N PRO B 139 13.92 -20.19 -0.66
CA PRO B 139 14.14 -20.47 0.77
C PRO B 139 15.56 -20.90 1.11
N SER B 140 16.29 -21.45 0.13
CA SER B 140 17.69 -21.82 0.36
C SER B 140 18.58 -20.65 0.81
N ALA B 141 18.14 -19.42 0.55
CA ALA B 141 18.94 -18.23 0.89
C ALA B 141 18.70 -17.76 2.33
N TYR B 142 17.77 -18.40 3.04
CA TYR B 142 17.25 -17.90 4.31
C TYR B 142 17.30 -19.00 5.36
N GLY B 143 16.93 -18.64 6.58
CA GLY B 143 16.52 -19.63 7.57
C GLY B 143 15.08 -20.00 7.31
N VAL B 144 14.78 -21.29 7.48
CA VAL B 144 13.55 -21.89 6.94
C VAL B 144 12.78 -22.59 8.06
N VAL B 145 11.53 -22.21 8.31
CA VAL B 145 10.71 -22.88 9.34
C VAL B 145 9.73 -23.81 8.66
N GLU B 146 9.46 -24.96 9.27
CA GLU B 146 8.34 -25.82 8.87
C GLU B 146 7.15 -25.67 9.80
N SER B 155 10.44 -27.87 12.31
CA SER B 155 11.85 -27.90 11.93
C SER B 155 12.42 -26.49 11.64
N LEU B 156 13.73 -26.42 11.44
CA LEU B 156 14.42 -25.14 11.24
C LEU B 156 15.84 -25.34 10.69
N GLU B 157 16.12 -24.74 9.53
CA GLU B 157 17.44 -24.81 8.89
C GLU B 157 17.73 -23.50 8.17
N SER B 165 9.88 -26.35 3.03
CA SER B 165 9.09 -25.13 3.14
C SER B 165 9.68 -23.97 2.33
N ASN B 166 8.82 -23.03 1.92
CA ASN B 166 9.27 -21.76 1.32
C ASN B 166 9.21 -20.61 2.33
N TYR B 167 9.23 -20.91 3.62
CA TYR B 167 8.95 -19.93 4.65
C TYR B 167 10.21 -19.51 5.40
N ALA B 168 10.64 -18.27 5.15
CA ALA B 168 11.86 -17.71 5.68
C ALA B 168 11.56 -17.00 6.98
N VAL B 169 12.56 -16.93 7.86
CA VAL B 169 12.37 -16.40 9.21
C VAL B 169 12.89 -14.98 9.16
N PRO B 170 12.01 -13.98 9.30
CA PRO B 170 12.50 -12.60 9.29
C PRO B 170 13.24 -12.25 10.57
N GLY B 171 13.84 -11.05 10.58
CA GLY B 171 14.69 -10.59 11.70
C GLY B 171 13.93 -9.88 12.78
N LEU B 172 12.90 -10.56 13.29
CA LEU B 172 12.17 -10.10 14.45
C LEU B 172 11.90 -11.31 15.32
N TYR B 173 12.26 -11.18 16.61
CA TYR B 173 12.20 -12.31 17.55
C TYR B 173 11.76 -11.87 18.96
N PHE B 174 10.89 -12.68 19.56
CA PHE B 174 10.46 -12.46 20.92
C PHE B 174 10.76 -13.70 21.76
N TYR B 175 11.40 -13.48 22.91
CA TYR B 175 11.88 -14.58 23.76
C TYR B 175 11.58 -14.34 25.24
N ASP B 176 11.52 -15.42 26.02
CA ASP B 176 11.50 -15.34 27.49
C ASP B 176 12.92 -15.13 28.05
N ASN B 177 12.99 -14.82 29.35
CA ASN B 177 14.28 -14.56 30.04
C ASN B 177 15.31 -15.68 29.90
N ASP B 178 14.85 -16.91 29.60
CA ASP B 178 15.74 -18.05 29.34
C ASP B 178 16.80 -17.77 28.28
N VAL B 179 16.48 -16.88 27.32
CA VAL B 179 17.30 -16.73 26.13
C VAL B 179 18.78 -16.43 26.42
N ILE B 180 19.05 -15.70 27.49
CA ILE B 180 20.43 -15.36 27.84
C ILE B 180 21.22 -16.67 28.05
N GLU B 181 20.70 -17.52 28.93
CA GLU B 181 21.31 -18.83 29.22
C GLU B 181 21.70 -19.57 27.93
N ILE B 182 20.74 -19.79 27.05
CA ILE B 182 20.97 -20.55 25.83
C ILE B 182 22.10 -19.91 25.02
N ALA B 183 22.10 -18.59 24.96
CA ALA B 183 23.03 -17.84 24.12
C ALA B 183 24.48 -17.93 24.60
N ARG B 184 24.71 -17.80 25.90
CA ARG B 184 26.05 -18.02 26.46
C ARG B 184 26.46 -19.48 26.28
N GLY B 185 25.46 -20.37 26.29
CA GLY B 185 25.67 -21.77 25.94
C GLY B 185 26.32 -22.01 24.59
N LEU B 186 25.82 -21.36 23.55
CA LEU B 186 26.16 -21.70 22.16
C LEU B 186 27.65 -21.59 21.86
N LYS B 187 28.09 -22.30 20.82
CA LYS B 187 29.41 -22.10 20.21
C LYS B 187 29.26 -21.56 18.79
N LYS B 188 30.40 -21.28 18.15
CA LYS B 188 30.43 -20.74 16.78
C LYS B 188 29.99 -21.75 15.71
N SER B 189 30.09 -21.33 14.44
CA SER B 189 29.58 -22.10 13.31
C SER B 189 30.62 -22.19 12.17
N ALA B 190 30.30 -22.99 11.16
CA ALA B 190 31.24 -23.29 10.09
C ALA B 190 31.34 -22.14 9.08
N GLY B 192 32.60 -18.10 10.74
CA GLY B 192 31.98 -18.67 11.93
C GLY B 192 31.39 -17.63 12.86
N GLU B 193 30.11 -17.82 13.21
CA GLU B 193 29.35 -16.81 13.95
C GLU B 193 28.51 -17.51 15.02
N TYR B 194 28.16 -16.80 16.10
CA TYR B 194 27.17 -17.30 17.05
C TYR B 194 25.77 -17.05 16.46
N GLU B 195 25.06 -18.13 16.12
CA GLU B 195 23.94 -18.08 15.18
C GLU B 195 22.60 -17.94 15.93
N ILE B 196 21.72 -17.08 15.42
CA ILE B 196 20.36 -16.98 15.95
C ILE B 196 19.55 -18.26 15.69
N THR B 197 19.85 -18.94 14.59
CA THR B 197 19.22 -20.22 14.28
C THR B 197 19.28 -21.15 15.50
N GLU B 198 20.49 -21.32 16.02
CA GLU B 198 20.72 -22.26 17.12
C GLU B 198 19.89 -21.92 18.37
N VAL B 199 19.69 -20.63 18.66
CA VAL B 199 18.79 -20.22 19.75
C VAL B 199 17.37 -20.76 19.52
N ASN B 200 16.85 -20.53 18.31
CA ASN B 200 15.46 -20.83 18.02
C ASN B 200 15.18 -22.33 18.14
N GLN B 201 16.05 -23.13 17.54
CA GLN B 201 15.98 -24.58 17.64
C GLN B 201 15.95 -25.06 19.09
N VAL B 202 16.80 -24.50 19.93
CA VAL B 202 16.91 -24.94 21.31
C VAL B 202 15.57 -24.74 22.02
N TYR B 203 14.89 -23.65 21.69
CA TYR B 203 13.49 -23.46 22.07
C TYR B 203 12.56 -24.52 21.46
N LEU B 204 12.77 -24.86 20.19
CA LEU B 204 11.92 -25.83 19.49
C LEU B 204 12.10 -27.25 20.03
N ASN B 205 13.33 -27.59 20.47
CA ASN B 205 13.59 -28.87 21.12
C ASN B 205 12.89 -28.99 22.46
N GLN B 206 12.48 -27.85 23.03
CA GLN B 206 11.57 -27.84 24.17
C GLN B 206 10.09 -27.75 23.76
N GLY B 207 9.82 -27.75 22.46
CA GLY B 207 8.48 -27.44 21.93
C GLY B 207 7.84 -26.18 22.52
N ARG B 208 8.57 -25.07 22.49
CA ARG B 208 7.97 -23.77 22.83
C ARG B 208 8.48 -22.65 21.90
N LEU B 209 8.79 -23.02 20.66
CA LEU B 209 9.00 -22.07 19.58
C LEU B 209 7.69 -21.90 18.80
N ALA B 210 7.02 -20.77 19.00
CA ALA B 210 5.80 -20.43 18.27
C ALA B 210 6.16 -19.71 16.96
N VAL B 211 5.44 -20.02 15.89
CA VAL B 211 5.64 -19.32 14.61
C VAL B 211 4.31 -18.72 14.18
N GLU B 212 4.35 -17.49 13.63
CA GLU B 212 3.21 -16.91 12.89
C GLU B 212 3.61 -16.48 11.47
N VAL B 213 2.73 -16.72 10.51
CA VAL B 213 2.99 -16.25 9.15
C VAL B 213 2.57 -14.81 9.10
N LEU B 214 3.41 -13.97 8.47
CA LEU B 214 3.12 -12.56 8.38
C LEU B 214 1.85 -12.45 7.52
N ALA B 215 0.99 -11.48 7.82
CA ALA B 215 -0.32 -11.39 7.16
C ALA B 215 -0.16 -11.11 5.66
N ARG B 216 -1.14 -11.55 4.88
CA ARG B 216 -1.28 -11.11 3.49
C ARG B 216 -1.05 -9.62 3.33
N GLY B 217 -0.19 -9.23 2.38
CA GLY B 217 -0.03 -7.82 2.12
C GLY B 217 1.08 -7.12 2.90
N THR B 218 1.82 -7.87 3.70
CA THR B 218 2.93 -7.26 4.46
C THR B 218 4.15 -7.18 3.57
N ALA B 219 4.99 -6.19 3.84
CA ALA B 219 6.31 -6.10 3.22
C ALA B 219 7.33 -6.41 4.31
N TRP B 220 8.19 -7.37 4.01
CA TRP B 220 9.42 -7.63 4.78
C TRP B 220 10.61 -7.48 3.85
N LEU B 221 11.49 -6.52 4.19
CA LEU B 221 12.65 -6.18 3.39
C LEU B 221 13.93 -6.26 4.24
N ASP B 222 14.99 -6.70 3.58
CA ASP B 222 16.39 -6.71 4.11
C ASP B 222 17.19 -5.81 3.17
N THR B 223 17.91 -4.81 3.70
CA THR B 223 18.53 -3.80 2.84
C THR B 223 20.03 -4.04 2.56
N GLY B 224 20.45 -5.29 2.70
CA GLY B 224 21.87 -5.60 2.66
C GLY B 224 22.57 -5.86 1.32
N THR B 225 21.89 -5.63 0.19
CA THR B 225 22.53 -5.63 -1.11
C THR B 225 22.20 -4.34 -1.86
N PHE B 226 22.93 -4.06 -2.92
CA PHE B 226 22.74 -2.81 -3.69
C PHE B 226 21.27 -2.75 -4.13
N ASP B 227 20.79 -3.85 -4.73
CA ASP B 227 19.42 -3.85 -5.26
C ASP B 227 18.38 -3.84 -4.17
N SER B 228 18.57 -4.61 -3.09
CA SER B 228 17.55 -4.62 -2.05
C SER B 228 17.44 -3.23 -1.32
N LEU B 229 18.59 -2.58 -1.12
CA LEU B 229 18.59 -1.24 -0.52
C LEU B 229 17.82 -0.25 -1.40
N LEU B 230 18.11 -0.29 -2.69
CA LEU B 230 17.52 0.65 -3.62
C LEU B 230 16.02 0.29 -3.80
N ASP B 231 15.69 -0.98 -3.84
CA ASP B 231 14.27 -1.40 -3.92
C ASP B 231 13.46 -0.91 -2.71
N ALA B 232 14.09 -0.91 -1.53
CA ALA B 232 13.41 -0.51 -0.35
C ALA B 232 13.14 0.97 -0.40
N ALA B 233 14.11 1.79 -0.84
CA ALA B 233 13.96 3.24 -0.88
C ALA B 233 12.82 3.56 -1.86
N ASP B 234 12.85 2.90 -2.99
CA ASP B 234 11.79 3.13 -3.98
C ASP B 234 10.40 2.83 -3.40
N PHE B 235 10.29 1.72 -2.67
CA PHE B 235 9.07 1.29 -2.03
C PHE B 235 8.54 2.34 -1.07
N VAL B 236 9.41 2.82 -0.17
CA VAL B 236 8.98 3.83 0.80
C VAL B 236 8.50 5.11 0.09
N ARG B 237 9.20 5.54 -0.96
CA ARG B 237 8.79 6.78 -1.61
C ARG B 237 7.46 6.50 -2.32
N THR B 238 7.31 5.31 -2.84
CA THR B 238 6.04 4.96 -3.58
C THR B 238 4.85 5.08 -2.63
N LEU B 239 5.03 4.58 -1.40
CA LEU B 239 3.96 4.68 -0.40
C LEU B 239 3.57 6.13 -0.14
N GLU B 240 4.53 7.04 -0.07
CA GLU B 240 4.24 8.45 0.12
C GLU B 240 3.54 9.06 -1.09
N ARG B 241 4.09 8.83 -2.27
CA ARG B 241 3.62 9.58 -3.45
C ARG B 241 2.27 9.05 -3.84
N ARG B 242 2.06 7.77 -3.65
CA ARG B 242 0.81 7.17 -4.17
C ARG B 242 -0.31 7.01 -3.15
N GLN B 243 0.03 6.75 -1.88
CA GLN B 243 -0.98 6.50 -0.83
C GLN B 243 -0.89 7.58 0.29
N GLY B 244 0.01 8.54 0.13
CA GLY B 244 0.17 9.65 1.05
C GLY B 244 0.62 9.21 2.43
N LEU B 245 1.26 8.05 2.51
CA LEU B 245 1.75 7.55 3.79
C LEU B 245 3.24 7.77 3.99
N LYS B 246 3.62 8.30 5.15
CA LYS B 246 5.01 8.21 5.55
C LYS B 246 5.06 7.13 6.63
N VAL B 247 6.08 6.28 6.59
CA VAL B 247 6.07 5.11 7.42
C VAL B 247 7.31 5.03 8.27
N SER B 248 7.12 4.39 9.42
CA SER B 248 8.17 4.24 10.42
C SER B 248 8.81 5.57 10.79
N ILE B 249 7.97 6.57 11.04
CA ILE B 249 8.45 7.86 11.47
C ILE B 249 8.38 7.86 13.02
N PRO B 250 9.53 7.78 13.71
CA PRO B 250 9.47 7.49 15.15
C PRO B 250 8.75 8.59 15.98
N GLU B 251 8.95 9.84 15.59
CA GLU B 251 8.29 11.00 16.23
C GLU B 251 6.79 10.81 16.22
N GLU B 252 6.26 10.33 15.10
CA GLU B 252 4.84 10.11 14.94
C GLU B 252 4.32 9.02 15.86
N VAL B 253 5.10 7.94 15.99
CA VAL B 253 4.67 6.81 16.82
C VAL B 253 4.71 7.17 18.30
N ALA B 254 5.78 7.84 18.70
CA ALA B 254 5.90 8.40 20.05
C ALA B 254 4.70 9.29 20.43
N TRP B 255 4.33 10.18 19.50
CA TRP B 255 3.23 11.12 19.71
C TRP B 255 1.86 10.38 19.76
N ARG B 256 1.74 9.29 19.00
CA ARG B 256 0.52 8.47 19.01
C ARG B 256 0.46 7.55 20.20
N MET B 257 1.62 7.22 20.75
CA MET B 257 1.69 6.33 21.90
C MET B 257 1.52 7.12 23.19
N GLY B 258 1.59 8.45 23.09
CA GLY B 258 1.42 9.33 24.24
C GLY B 258 2.74 9.66 24.91
N TRP B 259 3.83 9.33 24.24
CA TRP B 259 5.14 9.41 24.87
C TRP B 259 5.77 10.79 24.74
N ILE B 260 5.30 11.57 23.78
CA ILE B 260 5.66 12.99 23.67
C ILE B 260 4.39 13.77 23.28
N ASP B 261 4.35 15.08 23.54
CA ASP B 261 3.10 15.85 23.33
C ASP B 261 3.07 16.62 22.02
N ASP B 262 1.95 17.30 21.77
CA ASP B 262 1.82 18.23 20.65
C ASP B 262 2.98 19.19 20.55
N GLU B 263 3.39 19.78 21.68
CA GLU B 263 4.48 20.75 21.65
C GLU B 263 5.86 20.13 21.40
N GLN B 264 6.15 18.94 21.95
CA GLN B 264 7.46 18.28 21.71
C GLN B 264 7.62 17.95 20.23
N LEU B 265 6.51 17.55 19.63
CA LEU B 265 6.43 17.24 18.20
C LEU B 265 6.65 18.47 17.32
N VAL B 266 6.14 19.62 17.76
CA VAL B 266 6.44 20.91 17.13
C VAL B 266 7.92 21.26 17.14
N GLN B 267 8.59 21.02 18.26
CA GLN B 267 10.02 21.33 18.34
C GLN B 267 10.83 20.40 17.43
N ARG B 268 10.36 19.16 17.28
CA ARG B 268 11.04 18.21 16.39
C ARG B 268 10.94 18.76 14.97
N ALA B 269 9.73 19.19 14.62
CA ALA B 269 9.43 19.72 13.29
C ALA B 269 10.30 20.90 12.89
N ARG B 270 10.58 21.80 13.84
CA ARG B 270 11.40 22.99 13.55
C ARG B 270 12.83 22.62 13.23
N ALA B 271 13.35 21.58 13.88
CA ALA B 271 14.72 21.17 13.63
C ALA B 271 14.87 20.51 12.25
N LEU B 272 13.74 20.13 11.66
CA LEU B 272 13.70 19.30 10.44
C LEU B 272 12.91 19.98 9.30
N VAL B 273 12.91 21.31 9.27
CA VAL B 273 12.05 22.02 8.31
C VAL B 273 12.62 21.96 6.91
N LYS B 274 13.93 22.08 6.77
CA LYS B 274 14.53 22.21 5.45
C LYS B 274 14.39 21.00 4.54
N SER B 275 14.25 19.80 5.11
CA SER B 275 14.21 18.56 4.32
C SER B 275 12.78 18.17 3.89
N GLY B 276 11.79 18.71 4.61
CA GLY B 276 10.38 18.37 4.44
C GLY B 276 9.86 17.33 5.40
N TYR B 277 10.76 16.62 6.07
CA TYR B 277 10.36 15.64 7.05
C TYR B 277 9.55 16.37 8.14
N GLY B 278 10.04 17.54 8.52
CA GLY B 278 9.42 18.35 9.55
C GLY B 278 8.02 18.82 9.19
N ASN B 279 7.80 19.15 7.93
CA ASN B 279 6.47 19.51 7.46
C ASN B 279 5.43 18.41 7.67
N TYR B 280 5.82 17.14 7.54
CA TYR B 280 4.90 16.04 7.79
C TYR B 280 4.48 15.94 9.26
N LEU B 281 5.41 16.25 10.17
CA LEU B 281 5.09 16.27 11.58
C LEU B 281 4.09 17.40 11.87
N LEU B 282 4.31 18.58 11.30
CA LEU B 282 3.32 19.68 11.41
C LEU B 282 1.91 19.32 10.94
N GLU B 283 1.80 18.58 9.84
CA GLU B 283 0.50 18.12 9.35
C GLU B 283 -0.20 17.15 10.30
N LEU B 284 0.57 16.41 11.10
CA LEU B 284 -0.03 15.52 12.08
C LEU B 284 -0.91 16.32 13.05
N LEU B 285 -0.38 17.44 13.53
CA LEU B 285 -1.21 18.46 14.20
C LEU B 285 -1.99 19.24 13.13
N GLU B 286 -3.02 18.60 12.58
CA GLU B 286 -3.60 19.00 11.29
C GLU B 286 -3.41 20.48 10.99
PA TTP C . -10.69 12.67 -19.63
O1A TTP C . -10.65 14.15 -19.86
O2A TTP C . -9.78 12.13 -18.59
O3A TTP C . -10.24 11.92 -21.02
PB TTP C . -10.23 12.53 -22.51
O1B TTP C . -10.51 11.36 -23.37
O2B TTP C . -11.09 13.72 -22.59
O3B TTP C . -8.67 12.96 -22.62
PG TTP C . -8.06 14.44 -22.84
O1G TTP C . -8.31 14.76 -24.23
O2G TTP C . -8.88 15.37 -21.93
O3G TTP C . -6.64 14.33 -22.43
O5' TTP C . -12.18 12.17 -19.47
C5' TTP C . -12.62 11.30 -18.39
C4' TTP C . -12.94 9.90 -18.81
O4' TTP C . -14.09 9.92 -19.66
C3' TTP C . -11.83 9.20 -19.64
O3' TTP C . -11.77 7.83 -19.14
C2' TTP C . -12.34 9.27 -21.08
C1' TTP C . -13.83 9.30 -20.95
N1 TTP C . -14.58 10.13 -21.90
C2 TTP C . -15.67 9.52 -22.56
O2 TTP C . -15.98 8.32 -22.45
N3 TTP C . -16.44 10.33 -23.32
C4 TTP C . -16.21 11.62 -23.48
O4 TTP C . -17.00 12.29 -24.22
C5 TTP C . -15.09 12.27 -22.80
C5M TTP C . -14.73 13.72 -22.95
C6 TTP C . -14.31 11.45 -22.02
MG MG D . -8.83 11.63 -16.92
MG MG E . -10.89 15.42 -21.37
PA TYD F . -11.30 -4.37 0.70
O1A TYD F . -12.52 -4.94 0.02
O2A TYD F . -10.43 -5.20 1.63
O3A TYD F . -11.49 -2.85 1.30
PB TYD F . -12.79 -2.17 2.01
O1B TYD F . -13.66 -1.60 0.97
O2B TYD F . -13.50 -3.31 2.73
O3B TYD F . -12.08 -1.17 2.89
O5' TYD F . -10.29 -3.95 -0.50
C5' TYD F . -9.22 -3.02 -0.26
C4' TYD F . -8.52 -2.79 -1.58
O4' TYD F . -8.19 -4.06 -2.14
C3' TYD F . -9.43 -2.12 -2.61
O3' TYD F . -8.60 -1.17 -3.26
C2' TYD F . -9.88 -3.19 -3.56
C1' TYD F . -8.72 -4.16 -3.47
N1 TYD F . -9.12 -5.53 -3.73
C2 TYD F . -8.57 -6.15 -4.87
O2 TYD F . -7.79 -5.46 -5.58
N3 TYD F . -8.88 -7.41 -5.17
C4 TYD F . -9.72 -8.11 -4.38
O4 TYD F . -10.01 -9.29 -4.66
C5 TYD F . -10.33 -7.48 -3.18
C5M TYD F . -11.28 -8.24 -2.29
C6 TYD F . -9.97 -6.16 -2.90
C1 EDO G . -24.77 5.35 1.24
O1 EDO G . -24.60 6.35 2.23
C2 EDO G . -25.90 5.73 0.26
O2 EDO G . -27.20 5.66 0.91
MG MG H . 26.10 -11.44 7.53
MG MG I . 20.56 -8.80 6.48
PA TTP J . 23.59 -9.47 8.10
O1A TTP J . 22.32 -9.03 7.40
O2A TTP J . 24.21 -10.75 7.66
O3A TTP J . 24.62 -8.22 7.92
PB TTP J . 26.22 -8.25 7.93
O1B TTP J . 26.68 -9.61 8.41
O2B TTP J . 26.71 -6.97 8.60
O3B TTP J . 26.56 -8.11 6.37
PG TTP J . 27.07 -9.25 5.32
O1G TTP J . 26.61 -8.67 3.98
O2G TTP J . 26.40 -10.48 5.87
O3G TTP J . 28.56 -9.15 5.45
O5' TTP J . 23.24 -9.47 9.62
C5' TTP J . 21.98 -9.30 10.26
C4' TTP J . 21.96 -7.99 11.03
O4' TTP J . 22.74 -8.08 12.23
C3' TTP J . 22.49 -6.77 10.32
O3' TTP J . 21.56 -5.75 10.70
C2' TTP J . 23.94 -6.58 10.86
C1' TTP J . 23.75 -7.05 12.27
N1 TTP J . 24.91 -7.73 12.84
C2 TTP J . 25.45 -7.33 14.10
O2 TTP J . 24.99 -6.36 14.74
N3 TTP J . 26.46 -8.04 14.63
C4 TTP J . 26.98 -9.09 14.01
O4 TTP J . 27.94 -9.77 14.47
C5 TTP J . 26.44 -9.53 12.71
C5M TTP J . 27.01 -10.70 11.98
C6 TTP J . 25.39 -8.80 12.17
PA TYD K . -1.11 -0.45 12.70
O1A TYD K . -2.25 0.30 12.09
O2A TYD K . -0.61 -0.08 14.08
O3A TYD K . -1.34 -2.03 12.49
PB TYD K . -1.70 -3.27 13.47
O1B TYD K . -2.09 -4.24 12.39
O2B TYD K . -2.80 -2.78 14.40
O3B TYD K . -0.44 -3.70 14.17
O5' TYD K . 0.13 -0.27 11.68
C5' TYD K . 0.09 -0.85 10.36
C4' TYD K . 1.39 -0.49 9.63
O4' TYD K . 1.54 0.92 9.70
C3' TYD K . 2.60 -1.09 10.35
O3' TYD K . 3.64 -1.41 9.41
C2' TYD K . 3.12 0.05 11.18
C1' TYD K . 2.76 1.26 10.37
N1 TYD K . 2.64 2.50 11.16
C2 TYD K . 3.50 3.58 10.90
O2 TYD K . 4.37 3.44 10.02
N3 TYD K . 3.42 4.72 11.59
C4 TYD K . 2.50 4.88 12.55
O4 TYD K . 2.40 5.96 13.19
C5 TYD K . 1.58 3.77 12.84
C5M TYD K . 0.52 3.86 13.90
C6 TYD K . 1.70 2.61 12.11
#